data_1VPL
#
_entry.id   1VPL
#
_cell.length_a   90.590
_cell.length_b   90.590
_cell.length_c   72.238
_cell.angle_alpha   90.00
_cell.angle_beta   90.00
_cell.angle_gamma   120.00
#
_symmetry.space_group_name_H-M   'P 31 2 1'
#
loop_
_entity.id
_entity.type
_entity.pdbx_description
1 polymer 'ABC transporter, ATP-binding protein'
2 non-polymer 'SULFATE ION'
3 water water
#
_entity_poly.entity_id   1
_entity_poly.type   'polypeptide(L)'
_entity_poly.pdbx_seq_one_letter_code
;MGSDKIHHHHHHMGAVVVKDLRKRIGKKEILKGISFEIEEGEIFGLIGPNGAGKTTTLRIISTLIKPSSGIVTVFGKNVV
EEPHEVRKLISYLPEEAGAYRNMQGIEYLRFVAGFYASSSSEIEEMVERATEIAGLGEKIKDRVSTYSKGMVRKLLIARA
LMVNPRLAILDEPTSGLDVLNAREVRKILKQASQEGLTILVSSHNMLEVEFLCDRIALIHNGTIVETGTVEELKERYKAQ
NIEEVFEEVVKCSENF
;
_entity_poly.pdbx_strand_id   A
#
# COMPACT_ATOMS: atom_id res chain seq x y z
N GLY A 14 6.35 -11.36 11.03
CA GLY A 14 7.73 -11.30 10.48
C GLY A 14 7.96 -9.99 9.74
N ALA A 15 7.27 -9.84 8.61
CA ALA A 15 7.61 -8.77 7.64
C ALA A 15 7.43 -7.40 8.25
N VAL A 16 6.31 -7.20 8.93
CA VAL A 16 6.02 -5.98 9.69
C VAL A 16 5.38 -6.44 11.01
N VAL A 17 5.87 -5.91 12.12
CA VAL A 17 5.29 -6.13 13.42
C VAL A 17 5.10 -4.76 14.06
N VAL A 18 3.84 -4.44 14.34
CA VAL A 18 3.43 -3.22 15.06
C VAL A 18 2.98 -3.68 16.44
N LYS A 19 3.49 -3.00 17.48
CA LYS A 19 3.30 -3.40 18.86
C LYS A 19 2.91 -2.16 19.67
N ASP A 20 1.66 -2.10 20.17
CA ASP A 20 1.20 -0.98 21.04
C ASP A 20 1.54 0.42 20.47
N LEU A 21 1.25 0.60 19.19
CA LEU A 21 1.61 1.82 18.49
C LEU A 21 0.64 2.91 18.84
N ARG A 22 1.15 4.03 19.33
CA ARG A 22 0.30 5.16 19.59
C ARG A 22 0.84 6.27 18.77
N LYS A 23 -0.03 7.22 18.44
CA LYS A 23 0.38 8.46 17.74
C LYS A 23 -0.64 9.55 17.98
N ARG A 24 -0.13 10.62 18.58
CA ARG A 24 -0.89 11.83 18.80
C ARG A 24 -0.64 12.81 17.64
N ILE A 25 -1.73 13.36 17.10
CA ILE A 25 -1.63 14.50 16.22
C ILE A 25 -2.52 15.63 16.69
N GLY A 26 -1.89 16.75 17.00
CA GLY A 26 -2.57 17.86 17.62
C GLY A 26 -3.17 17.45 18.95
N LYS A 27 -4.43 17.80 19.16
CA LYS A 27 -5.15 17.44 20.38
C LYS A 27 -5.52 15.94 20.44
N LYS A 28 -5.33 15.18 19.37
CA LYS A 28 -5.94 13.84 19.25
C LYS A 28 -4.97 12.69 19.34
N GLU A 29 -5.39 11.65 20.06
CA GLU A 29 -4.76 10.35 19.99
C GLU A 29 -5.39 9.61 18.81
N ILE A 30 -4.69 9.69 17.67
CA ILE A 30 -5.17 9.14 16.42
C ILE A 30 -5.08 7.63 16.41
N LEU A 31 -3.90 7.12 16.80
CA LEU A 31 -3.69 5.69 16.98
C LEU A 31 -3.60 5.40 18.49
N LYS A 32 -4.40 4.42 18.90
CA LYS A 32 -4.73 4.23 20.32
C LYS A 32 -4.11 2.97 20.93
N GLY A 33 -2.88 2.68 20.51
CA GLY A 33 -2.16 1.52 20.99
C GLY A 33 -2.52 0.30 20.21
N ILE A 34 -2.22 0.31 18.91
CA ILE A 34 -2.60 -0.74 18.01
C ILE A 34 -1.46 -1.72 17.80
N SER A 35 -1.85 -2.97 17.53
CA SER A 35 -0.91 -4.07 17.29
C SER A 35 -1.40 -4.95 16.15
N PHE A 36 -0.47 -5.45 15.35
CA PHE A 36 -0.76 -6.42 14.27
C PHE A 36 0.52 -6.80 13.61
N GLU A 37 0.49 -7.85 12.81
CA GLU A 37 1.68 -8.37 12.19
C GLU A 37 1.31 -8.77 10.77
N ILE A 38 2.27 -8.64 9.87
CA ILE A 38 2.15 -8.92 8.44
C ILE A 38 3.20 -9.97 8.12
N GLU A 39 2.80 -11.00 7.39
CA GLU A 39 3.71 -12.07 7.02
C GLU A 39 4.41 -11.79 5.68
N GLU A 40 5.65 -12.23 5.57
CA GLU A 40 6.41 -12.03 4.36
C GLU A 40 5.66 -12.60 3.17
N GLY A 41 5.49 -11.83 2.11
CA GLY A 41 5.04 -12.42 0.83
C GLY A 41 3.55 -12.35 0.66
N GLU A 42 2.85 -11.73 1.61
CA GLU A 42 1.42 -11.63 1.50
C GLU A 42 0.95 -10.22 1.26
N ILE A 43 -0.33 -10.12 0.92
CA ILE A 43 -1.01 -8.84 0.82
C ILE A 43 -1.84 -8.70 2.08
N PHE A 44 -1.52 -7.67 2.85
CA PHE A 44 -2.18 -7.40 4.08
C PHE A 44 -2.98 -6.09 3.96
N GLY A 45 -4.20 -6.12 4.45
CA GLY A 45 -5.07 -4.96 4.40
C GLY A 45 -5.33 -4.37 5.75
N LEU A 46 -5.04 -3.09 5.86
CA LEU A 46 -5.48 -2.36 7.04
C LEU A 46 -6.76 -1.69 6.59
N ILE A 47 -7.88 -2.20 7.14
CA ILE A 47 -9.21 -1.93 6.62
C ILE A 47 -10.15 -1.21 7.61
N GLY A 48 -10.77 -0.12 7.18
CA GLY A 48 -11.64 0.64 8.06
C GLY A 48 -12.13 1.90 7.37
N PRO A 49 -13.13 2.54 7.97
CA PRO A 49 -13.71 3.74 7.37
C PRO A 49 -12.76 4.97 7.37
N ASN A 50 -13.20 6.04 6.69
CA ASN A 50 -12.44 7.29 6.62
C ASN A 50 -12.26 7.79 8.00
N GLY A 51 -11.07 8.32 8.31
CA GLY A 51 -10.78 8.76 9.66
C GLY A 51 -10.34 7.72 10.68
N ALA A 52 -10.25 6.45 10.33
CA ALA A 52 -9.86 5.38 11.29
C ALA A 52 -8.38 5.42 11.68
N GLY A 53 -7.58 6.21 10.95
CA GLY A 53 -6.11 6.27 11.18
C GLY A 53 -5.21 5.46 10.26
N LYS A 54 -5.73 4.98 9.12
CA LYS A 54 -4.94 4.10 8.23
C LYS A 54 -3.71 4.80 7.61
N THR A 55 -3.88 6.06 7.20
CA THR A 55 -2.79 6.75 6.52
C THR A 55 -1.64 7.04 7.48
N THR A 56 -1.99 7.44 8.69
CA THR A 56 -1.03 7.71 9.70
C THR A 56 -0.26 6.44 10.00
N THR A 57 -0.96 5.33 10.16
CA THR A 57 -0.30 4.06 10.38
C THR A 57 0.70 3.75 9.26
N LEU A 58 0.26 3.84 8.01
CA LEU A 58 1.08 3.45 6.89
C LEU A 58 2.30 4.35 6.78
N ARG A 59 2.11 5.61 7.13
CA ARG A 59 3.21 6.59 7.16
C ARG A 59 4.27 6.41 8.22
N ILE A 60 3.86 5.92 9.38
CA ILE A 60 4.75 5.58 10.46
C ILE A 60 5.55 4.38 10.01
N ILE A 61 4.91 3.40 9.43
CA ILE A 61 5.67 2.20 9.01
C ILE A 61 6.75 2.53 7.92
N SER A 62 6.47 3.54 7.15
CA SER A 62 7.32 3.94 6.05
C SER A 62 8.42 4.90 6.54
N THR A 63 8.48 5.15 7.85
CA THR A 63 9.45 6.05 8.46
C THR A 63 9.23 7.54 8.20
N LEU A 64 8.21 7.91 7.45
CA LEU A 64 7.93 9.31 7.23
C LEU A 64 7.53 10.09 8.48
N ILE A 65 6.77 9.47 9.38
CA ILE A 65 6.50 10.10 10.69
C ILE A 65 6.83 9.10 11.78
N LYS A 66 7.05 9.61 12.99
CA LYS A 66 7.54 8.76 14.08
C LYS A 66 6.40 8.43 15.02
N PRO A 67 6.47 7.31 15.72
CA PRO A 67 5.46 7.02 16.73
C PRO A 67 5.50 8.02 17.85
N SER A 68 4.42 8.13 18.62
CA SER A 68 4.52 8.72 19.92
C SER A 68 5.03 7.61 20.83
N SER A 69 4.61 6.37 20.63
CA SER A 69 5.13 5.32 21.47
C SER A 69 4.78 4.03 20.84
N GLY A 70 5.32 2.94 21.38
CA GLY A 70 5.16 1.60 20.78
C GLY A 70 6.34 1.28 19.91
N ILE A 71 6.28 0.15 19.22
CA ILE A 71 7.42 -0.31 18.44
C ILE A 71 6.91 -0.87 17.12
N VAL A 72 7.56 -0.42 16.05
CA VAL A 72 7.38 -0.97 14.71
C VAL A 72 8.68 -1.55 14.11
N THR A 73 8.61 -2.80 13.65
CA THR A 73 9.74 -3.40 12.99
C THR A 73 9.31 -3.88 11.60
N VAL A 74 10.19 -3.60 10.65
CA VAL A 74 10.08 -4.05 9.27
C VAL A 74 11.23 -5.02 9.02
N PHE A 75 10.89 -6.26 8.68
CA PHE A 75 11.87 -7.37 8.53
C PHE A 75 12.92 -7.40 9.64
N GLY A 76 12.43 -7.26 10.88
CA GLY A 76 13.27 -7.31 12.06
C GLY A 76 14.02 -6.04 12.40
N LYS A 77 13.91 -4.99 11.57
CA LYS A 77 14.61 -3.73 11.84
C LYS A 77 13.62 -2.74 12.49
N ASN A 78 13.94 -2.24 13.69
CA ASN A 78 13.14 -1.21 14.38
C ASN A 78 13.23 0.04 13.52
N VAL A 79 12.09 0.62 13.17
CA VAL A 79 11.99 1.70 12.19
C VAL A 79 12.46 2.98 12.77
N VAL A 80 12.46 3.04 14.10
CA VAL A 80 12.93 4.20 14.79
C VAL A 80 14.46 4.10 15.08
N GLU A 81 14.94 2.90 15.45
CA GLU A 81 16.37 2.69 15.73
C GLU A 81 17.22 2.51 14.46
N GLU A 82 16.67 1.87 13.44
CA GLU A 82 17.38 1.66 12.18
C GLU A 82 16.57 2.06 10.93
N PRO A 83 16.21 3.34 10.81
CA PRO A 83 15.36 3.80 9.67
C PRO A 83 16.01 3.65 8.30
N HIS A 84 17.32 3.80 8.28
CA HIS A 84 18.14 3.67 7.09
C HIS A 84 17.93 2.29 6.49
N GLU A 85 18.09 1.26 7.32
CA GLU A 85 17.95 -0.14 6.92
C GLU A 85 16.51 -0.42 6.44
N VAL A 86 15.53 0.14 7.14
CA VAL A 86 14.13 0.03 6.78
C VAL A 86 13.82 0.65 5.42
N ARG A 87 14.32 1.85 5.18
CA ARG A 87 13.96 2.55 3.93
C ARG A 87 14.56 1.87 2.70
N LYS A 88 15.72 1.25 2.83
CA LYS A 88 16.28 0.39 1.78
C LYS A 88 15.31 -0.74 1.39
N LEU A 89 14.33 -1.03 2.24
CA LEU A 89 13.43 -2.14 2.01
C LEU A 89 12.04 -1.76 1.54
N ILE A 90 11.68 -0.49 1.65
CA ILE A 90 10.31 -0.14 1.38
C ILE A 90 10.15 0.85 0.25
N SER A 91 8.92 0.88 -0.28
CA SER A 91 8.43 1.86 -1.22
C SER A 91 7.00 2.26 -0.79
N TYR A 92 6.73 3.55 -0.60
CA TYR A 92 5.44 4.03 -0.13
C TYR A 92 4.81 4.83 -1.24
N LEU A 93 3.52 4.60 -1.49
CA LEU A 93 2.75 5.40 -2.45
C LEU A 93 1.57 6.05 -1.75
N PRO A 94 1.56 7.37 -1.59
CA PRO A 94 0.44 7.99 -0.90
C PRO A 94 -0.78 7.98 -1.76
N GLU A 95 -1.90 8.28 -1.13
CA GLU A 95 -3.21 8.19 -1.74
C GLU A 95 -3.40 9.24 -2.83
N GLU A 96 -3.99 8.82 -3.94
CA GLU A 96 -4.29 9.71 -5.03
C GLU A 96 -3.03 10.48 -5.52
N ALA A 97 -1.87 9.84 -5.49
CA ALA A 97 -0.64 10.41 -6.08
C ALA A 97 -0.89 10.72 -7.56
N GLY A 98 -0.27 11.77 -8.07
CA GLY A 98 -0.35 12.10 -9.50
C GLY A 98 1.02 12.05 -10.15
N ALA A 99 1.05 12.20 -11.46
CA ALA A 99 2.28 12.23 -12.22
C ALA A 99 2.32 13.51 -13.00
N TYR A 100 3.51 13.90 -13.43
N TYR A 100 3.53 13.90 -13.43
CA TYR A 100 3.65 15.13 -14.17
CA TYR A 100 3.71 15.10 -14.25
C TYR A 100 3.00 14.98 -15.57
C TYR A 100 2.97 14.93 -15.58
N ARG A 101 2.00 15.80 -15.88
CA ARG A 101 1.15 15.63 -17.08
C ARG A 101 1.80 15.94 -18.39
N ASN A 102 2.86 16.73 -18.36
CA ASN A 102 3.48 17.22 -19.57
C ASN A 102 4.70 16.42 -19.95
N MET A 103 4.65 15.12 -19.72
CA MET A 103 5.66 14.16 -20.11
C MET A 103 4.97 12.96 -20.68
N GLN A 104 5.62 12.23 -21.54
CA GLN A 104 5.11 10.94 -21.95
C GLN A 104 5.18 10.05 -20.72
N GLY A 105 4.37 8.99 -20.69
CA GLY A 105 4.46 8.04 -19.59
C GLY A 105 5.88 7.53 -19.36
N ILE A 106 6.52 7.10 -20.45
CA ILE A 106 7.85 6.47 -20.42
C ILE A 106 8.91 7.49 -19.99
N GLU A 107 8.62 8.75 -20.33
CA GLU A 107 9.47 9.85 -19.98
C GLU A 107 9.35 10.17 -18.49
N TYR A 108 8.13 10.12 -17.96
CA TYR A 108 7.91 10.32 -16.54
C TYR A 108 8.71 9.24 -15.75
N LEU A 109 8.66 8.02 -16.24
CA LEU A 109 9.29 6.85 -15.60
C LEU A 109 10.83 6.94 -15.59
N ARG A 110 11.40 7.38 -16.70
CA ARG A 110 12.85 7.71 -16.80
C ARG A 110 13.30 8.75 -15.83
N PHE A 111 12.50 9.83 -15.77
CA PHE A 111 12.74 10.96 -14.91
C PHE A 111 12.81 10.48 -13.45
N VAL A 112 11.76 9.83 -13.00
CA VAL A 112 11.71 9.37 -11.64
C VAL A 112 12.76 8.30 -11.33
N ALA A 113 12.98 7.35 -12.27
CA ALA A 113 14.04 6.32 -12.12
C ALA A 113 15.35 7.00 -11.82
N GLY A 114 15.58 8.13 -12.46
CA GLY A 114 16.77 8.93 -12.18
C GLY A 114 16.91 9.43 -10.74
N PHE A 115 15.84 9.49 -9.97
CA PHE A 115 16.00 9.88 -8.56
C PHE A 115 16.78 8.80 -7.83
N TYR A 116 16.46 7.57 -8.17
CA TYR A 116 17.00 6.41 -7.49
C TYR A 116 18.37 6.01 -7.92
N ALA A 117 18.75 6.28 -9.15
CA ALA A 117 20.03 5.80 -9.66
C ALA A 117 20.45 6.73 -10.78
N SER A 118 21.75 6.80 -11.00
CA SER A 118 22.32 7.52 -12.13
C SER A 118 22.77 6.62 -13.29
N SER A 119 22.95 5.32 -13.03
CA SER A 119 23.54 4.40 -13.99
C SER A 119 22.48 4.10 -15.02
N SER A 120 22.88 4.11 -16.28
CA SER A 120 21.98 3.85 -17.41
C SER A 120 21.28 2.50 -17.26
N SER A 121 22.07 1.52 -16.88
CA SER A 121 21.65 0.16 -16.69
C SER A 121 20.56 0.05 -15.65
N GLU A 122 20.74 0.70 -14.51
CA GLU A 122 19.74 0.60 -13.46
C GLU A 122 18.49 1.34 -13.89
N ILE A 123 18.66 2.52 -14.50
CA ILE A 123 17.52 3.32 -14.97
C ILE A 123 16.70 2.50 -15.97
N GLU A 124 17.38 1.94 -16.97
CA GLU A 124 16.73 1.12 -17.98
C GLU A 124 15.94 -0.03 -17.35
N GLU A 125 16.54 -0.71 -16.38
CA GLU A 125 15.89 -1.84 -15.73
C GLU A 125 14.63 -1.42 -15.01
N MET A 126 14.74 -0.37 -14.21
CA MET A 126 13.56 0.22 -13.57
C MET A 126 12.46 0.58 -14.58
N VAL A 127 12.81 1.28 -15.65
CA VAL A 127 11.81 1.73 -16.61
C VAL A 127 11.13 0.52 -17.30
N GLU A 128 11.92 -0.49 -17.65
CA GLU A 128 11.35 -1.65 -18.28
C GLU A 128 10.47 -2.46 -17.34
N ARG A 129 10.84 -2.56 -16.06
CA ARG A 129 9.96 -3.20 -15.09
C ARG A 129 8.66 -2.43 -14.97
N ALA A 130 8.78 -1.11 -14.83
CA ALA A 130 7.63 -0.27 -14.74
C ALA A 130 6.68 -0.40 -15.94
N THR A 131 7.22 -0.36 -17.15
CA THR A 131 6.37 -0.41 -18.35
C THR A 131 5.59 -1.71 -18.38
N GLU A 132 6.28 -2.77 -18.00
CA GLU A 132 5.72 -4.09 -17.92
C GLU A 132 4.63 -4.20 -16.82
N ILE A 133 4.82 -3.61 -15.65
CA ILE A 133 3.77 -3.57 -14.64
C ILE A 133 2.59 -2.66 -15.05
N ALA A 134 2.87 -1.47 -15.54
CA ALA A 134 1.78 -0.57 -15.93
C ALA A 134 0.77 -1.14 -16.92
N GLY A 135 1.26 -1.93 -17.88
CA GLY A 135 0.45 -2.45 -18.98
C GLY A 135 -0.29 -1.44 -19.86
N LEU A 136 0.35 -0.32 -20.21
CA LEU A 136 -0.29 0.76 -20.96
C LEU A 136 -0.06 0.63 -22.47
N GLY A 137 0.62 -0.42 -22.90
CA GLY A 137 0.85 -0.62 -24.30
C GLY A 137 1.49 0.56 -24.94
N GLU A 138 1.03 0.91 -26.13
CA GLU A 138 1.63 2.00 -26.89
C GLU A 138 1.30 3.33 -26.24
N LYS A 139 0.30 3.34 -25.35
CA LYS A 139 -0.10 4.58 -24.71
C LYS A 139 1.00 5.14 -23.74
N ILE A 140 2.00 4.33 -23.41
CA ILE A 140 3.13 4.76 -22.56
C ILE A 140 3.95 5.83 -23.25
N LYS A 141 3.85 5.88 -24.58
CA LYS A 141 4.49 6.93 -25.38
C LYS A 141 3.58 8.17 -25.53
N ASP A 142 2.37 8.14 -25.00
CA ASP A 142 1.51 9.31 -25.01
C ASP A 142 1.75 10.18 -23.79
N ARG A 143 1.36 11.44 -23.88
CA ARG A 143 1.43 12.38 -22.76
C ARG A 143 0.46 11.97 -21.65
N VAL A 144 0.93 12.14 -20.42
CA VAL A 144 0.22 11.75 -19.24
C VAL A 144 -1.04 12.56 -19.04
N SER A 145 -1.05 13.78 -19.58
CA SER A 145 -2.26 14.60 -19.58
C SER A 145 -3.42 13.91 -20.33
N THR A 146 -3.13 12.99 -21.25
CA THR A 146 -4.16 12.28 -21.96
C THR A 146 -4.67 11.05 -21.20
N TYR A 147 -4.02 10.70 -20.10
CA TYR A 147 -4.33 9.47 -19.37
C TYR A 147 -5.61 9.58 -18.53
N SER A 148 -6.31 8.47 -18.43
CA SER A 148 -7.46 8.37 -17.56
C SER A 148 -6.94 8.18 -16.16
N LYS A 149 -7.83 8.28 -15.21
CA LYS A 149 -7.45 8.13 -13.85
C LYS A 149 -6.79 6.78 -13.63
N GLY A 150 -7.32 5.75 -14.26
CA GLY A 150 -6.89 4.40 -13.99
C GLY A 150 -5.52 4.14 -14.56
N MET A 151 -5.23 4.80 -15.67
CA MET A 151 -3.92 4.77 -16.31
C MET A 151 -2.87 5.46 -15.46
N VAL A 152 -3.24 6.58 -14.85
CA VAL A 152 -2.33 7.29 -13.97
C VAL A 152 -2.02 6.39 -12.78
N ARG A 153 -3.06 5.79 -12.23
CA ARG A 153 -2.89 4.88 -11.12
C ARG A 153 -1.99 3.66 -11.44
N LYS A 154 -2.16 3.04 -12.58
CA LYS A 154 -1.27 1.97 -12.97
C LYS A 154 0.19 2.45 -13.16
N LEU A 155 0.35 3.63 -13.73
CA LEU A 155 1.67 4.26 -13.88
C LEU A 155 2.33 4.52 -12.54
N LEU A 156 1.53 4.96 -11.58
CA LEU A 156 2.07 5.28 -10.26
C LEU A 156 2.45 4.08 -9.44
N ILE A 157 1.65 3.04 -9.54
CA ILE A 157 1.93 1.78 -8.87
C ILE A 157 3.15 1.11 -9.49
N ALA A 158 3.21 1.12 -10.82
CA ALA A 158 4.41 0.69 -11.54
C ALA A 158 5.67 1.38 -11.02
N ARG A 159 5.58 2.70 -10.87
CA ARG A 159 6.62 3.56 -10.32
C ARG A 159 7.03 3.22 -8.88
N ALA A 160 6.05 2.86 -8.07
CA ALA A 160 6.33 2.40 -6.73
C ALA A 160 7.00 1.05 -6.72
N LEU A 161 6.60 0.18 -7.64
CA LEU A 161 7.07 -1.20 -7.66
C LEU A 161 8.37 -1.40 -8.46
N MET A 162 8.72 -0.45 -9.30
CA MET A 162 9.86 -0.62 -10.19
C MET A 162 11.19 -0.62 -9.47
N VAL A 163 11.24 -0.01 -8.30
CA VAL A 163 12.43 -0.09 -7.45
C VAL A 163 12.64 -1.46 -6.76
N ASN A 164 11.86 -2.48 -7.08
CA ASN A 164 11.94 -3.79 -6.43
C ASN A 164 12.08 -3.74 -4.87
N PRO A 165 11.15 -3.07 -4.18
CA PRO A 165 11.16 -3.05 -2.72
C PRO A 165 10.86 -4.45 -2.15
N ARG A 166 11.27 -4.73 -0.91
CA ARG A 166 10.78 -5.94 -0.26
C ARG A 166 9.36 -5.76 0.26
N LEU A 167 9.06 -4.55 0.70
CA LEU A 167 7.71 -4.18 1.09
C LEU A 167 7.21 -2.94 0.33
N ALA A 168 6.07 -3.10 -0.33
CA ALA A 168 5.31 -1.98 -0.86
C ALA A 168 4.15 -1.61 0.08
N ILE A 169 4.03 -0.32 0.36
CA ILE A 169 3.02 0.26 1.25
C ILE A 169 2.20 1.17 0.40
N LEU A 170 0.95 0.78 0.09
CA LEU A 170 0.06 1.50 -0.85
C LEU A 170 -1.18 2.01 -0.13
N ASP A 171 -1.37 3.32 -0.17
CA ASP A 171 -2.45 3.97 0.51
C ASP A 171 -3.65 4.08 -0.45
N GLU A 172 -4.64 3.23 -0.22
CA GLU A 172 -5.88 3.22 -1.01
C GLU A 172 -5.66 3.04 -2.51
N PRO A 173 -4.96 2.00 -2.90
CA PRO A 173 -4.56 1.83 -4.29
C PRO A 173 -5.69 1.77 -5.32
N THR A 174 -6.88 1.39 -4.92
CA THR A 174 -7.98 1.27 -5.89
C THR A 174 -9.05 2.34 -5.72
N SER A 175 -8.82 3.35 -4.88
CA SER A 175 -9.89 4.34 -4.64
C SER A 175 -10.10 5.22 -5.86
N GLY A 176 -11.35 5.66 -6.06
CA GLY A 176 -11.71 6.43 -7.25
C GLY A 176 -11.81 5.68 -8.57
N LEU A 177 -11.55 4.36 -8.57
CA LEU A 177 -11.41 3.63 -9.85
C LEU A 177 -12.69 2.97 -10.30
N ASP A 178 -12.95 2.93 -11.59
CA ASP A 178 -14.10 2.17 -12.08
C ASP A 178 -13.83 0.67 -11.91
N VAL A 179 -14.82 -0.14 -12.28
CA VAL A 179 -14.77 -1.58 -12.06
C VAL A 179 -13.58 -2.21 -12.78
N LEU A 180 -13.38 -1.86 -14.02
CA LEU A 180 -12.30 -2.42 -14.81
C LEU A 180 -10.93 -2.07 -14.29
N ASN A 181 -10.73 -0.80 -13.96
CA ASN A 181 -9.40 -0.38 -13.54
C ASN A 181 -9.08 -0.90 -12.19
N ALA A 182 -10.09 -1.04 -11.31
CA ALA A 182 -9.84 -1.55 -9.98
C ALA A 182 -9.42 -3.03 -10.06
N ARG A 183 -10.09 -3.76 -10.94
CA ARG A 183 -9.72 -5.12 -11.21
C ARG A 183 -8.31 -5.26 -11.79
N GLU A 184 -7.92 -4.42 -12.74
CA GLU A 184 -6.54 -4.46 -13.24
C GLU A 184 -5.54 -4.15 -12.14
N VAL A 185 -5.87 -3.22 -11.25
CA VAL A 185 -4.92 -2.87 -10.20
C VAL A 185 -4.77 -4.02 -9.20
N ARG A 186 -5.88 -4.66 -8.85
CA ARG A 186 -5.86 -5.83 -8.01
C ARG A 186 -4.98 -6.96 -8.63
N LYS A 187 -5.15 -7.17 -9.93
CA LYS A 187 -4.32 -8.10 -10.70
C LYS A 187 -2.84 -7.79 -10.61
N ILE A 188 -2.48 -6.55 -10.85
CA ILE A 188 -1.12 -6.13 -10.71
C ILE A 188 -0.56 -6.47 -9.32
N LEU A 189 -1.29 -6.14 -8.28
CA LEU A 189 -0.80 -6.35 -6.90
C LEU A 189 -0.66 -7.83 -6.59
N LYS A 190 -1.65 -8.60 -6.97
CA LYS A 190 -1.65 -10.03 -6.75
C LYS A 190 -0.48 -10.68 -7.48
N GLN A 191 -0.26 -10.33 -8.72
CA GLN A 191 0.89 -10.88 -9.42
C GLN A 191 2.20 -10.52 -8.73
N ALA A 192 2.31 -9.27 -8.31
CA ALA A 192 3.51 -8.83 -7.66
C ALA A 192 3.76 -9.61 -6.34
N SER A 193 2.73 -9.82 -5.54
CA SER A 193 2.86 -10.62 -4.32
C SER A 193 3.22 -12.11 -4.60
N GLN A 194 2.66 -12.67 -5.67
CA GLN A 194 2.96 -14.04 -6.11
C GLN A 194 4.42 -14.20 -6.54
N GLU A 195 5.01 -13.11 -6.96
CA GLU A 195 6.46 -12.98 -7.15
C GLU A 195 7.25 -12.59 -5.92
N GLY A 196 6.69 -12.69 -4.73
CA GLY A 196 7.45 -12.53 -3.51
C GLY A 196 7.31 -11.21 -2.77
N LEU A 197 6.77 -10.19 -3.41
CA LEU A 197 6.53 -8.90 -2.77
C LEU A 197 5.57 -8.98 -1.58
N THR A 198 5.91 -8.27 -0.52
CA THR A 198 5.00 -8.12 0.60
C THR A 198 4.32 -6.75 0.37
N ILE A 199 3.00 -6.69 0.48
CA ILE A 199 2.26 -5.48 0.22
C ILE A 199 1.37 -5.17 1.44
N LEU A 200 1.51 -3.97 1.97
CA LEU A 200 0.59 -3.43 2.96
C LEU A 200 -0.30 -2.43 2.21
N VAL A 201 -1.59 -2.71 2.13
CA VAL A 201 -2.55 -1.73 1.59
C VAL A 201 -3.53 -1.23 2.65
N SER A 202 -3.98 0.00 2.47
CA SER A 202 -5.07 0.55 3.23
C SER A 202 -6.27 0.62 2.33
N SER A 203 -7.46 0.34 2.87
CA SER A 203 -8.64 0.44 2.10
C SER A 203 -9.86 0.63 2.97
N HIS A 204 -10.85 1.33 2.45
CA HIS A 204 -12.18 1.41 3.07
C HIS A 204 -13.24 0.67 2.28
N ASN A 205 -12.87 0.00 1.20
CA ASN A 205 -13.81 -0.77 0.39
C ASN A 205 -13.86 -2.19 0.92
N MET A 206 -14.80 -2.43 1.81
CA MET A 206 -14.86 -3.70 2.55
C MET A 206 -15.40 -4.90 1.72
N LEU A 207 -16.23 -4.66 0.73
CA LEU A 207 -16.60 -5.75 -0.17
C LEU A 207 -15.41 -6.24 -0.98
N GLU A 208 -14.58 -5.34 -1.49
CA GLU A 208 -13.51 -5.77 -2.40
C GLU A 208 -12.33 -6.38 -1.67
N VAL A 209 -12.24 -6.20 -0.34
CA VAL A 209 -11.05 -6.70 0.40
C VAL A 209 -10.86 -8.22 0.29
N GLU A 210 -11.95 -9.02 0.25
CA GLU A 210 -11.75 -10.45 0.04
C GLU A 210 -11.05 -10.79 -1.27
N PHE A 211 -11.13 -9.93 -2.28
CA PHE A 211 -10.55 -10.28 -3.57
C PHE A 211 -9.17 -9.71 -3.79
N LEU A 212 -8.58 -9.21 -2.71
CA LEU A 212 -7.25 -8.64 -2.75
C LEU A 212 -6.33 -9.15 -1.65
N CYS A 213 -6.81 -9.19 -0.42
CA CYS A 213 -5.95 -9.37 0.73
C CYS A 213 -5.93 -10.80 1.18
N ASP A 214 -4.76 -11.24 1.64
CA ASP A 214 -4.66 -12.55 2.29
C ASP A 214 -5.06 -12.42 3.78
N ARG A 215 -4.59 -11.38 4.46
CA ARG A 215 -4.92 -11.12 5.87
C ARG A 215 -5.25 -9.63 6.03
N ILE A 216 -6.04 -9.34 7.08
CA ILE A 216 -6.47 -7.96 7.39
C ILE A 216 -6.48 -7.70 8.88
N ALA A 217 -6.37 -6.41 9.18
CA ALA A 217 -6.64 -5.85 10.48
C ALA A 217 -7.71 -4.83 10.24
N LEU A 218 -8.81 -5.03 10.95
CA LEU A 218 -9.94 -4.11 10.92
C LEU A 218 -9.71 -2.97 11.92
N ILE A 219 -9.78 -1.73 11.43
CA ILE A 219 -9.43 -0.55 12.27
C ILE A 219 -10.59 0.41 12.34
N HIS A 220 -10.85 0.89 13.56
CA HIS A 220 -11.99 1.74 13.83
C HIS A 220 -11.53 2.75 14.85
N ASN A 221 -11.66 4.03 14.52
CA ASN A 221 -11.30 5.10 15.44
C ASN A 221 -9.91 4.90 16.03
N GLY A 222 -8.98 4.35 15.26
CA GLY A 222 -7.63 4.20 15.76
C GLY A 222 -7.39 3.01 16.66
N THR A 223 -8.30 2.03 16.63
CA THR A 223 -8.17 0.77 17.35
C THR A 223 -8.33 -0.41 16.41
N ILE A 224 -7.57 -1.47 16.64
CA ILE A 224 -7.72 -2.69 15.87
C ILE A 224 -8.75 -3.49 16.55
N VAL A 225 -9.86 -3.76 15.87
CA VAL A 225 -10.99 -4.45 16.47
C VAL A 225 -11.05 -5.95 16.11
N GLU A 226 -10.26 -6.33 15.11
CA GLU A 226 -10.07 -7.71 14.73
C GLU A 226 -8.98 -7.85 13.71
N THR A 227 -8.49 -9.08 13.57
CA THR A 227 -7.45 -9.43 12.60
C THR A 227 -7.63 -10.88 12.25
N GLY A 228 -7.10 -11.24 11.09
CA GLY A 228 -7.10 -12.61 10.66
C GLY A 228 -7.06 -12.70 9.15
N THR A 229 -7.03 -13.92 8.64
CA THR A 229 -7.30 -14.10 7.21
C THR A 229 -8.75 -13.75 6.97
N VAL A 230 -9.03 -13.38 5.74
CA VAL A 230 -10.37 -13.01 5.35
C VAL A 230 -11.34 -14.17 5.61
N GLU A 231 -10.92 -15.38 5.25
CA GLU A 231 -11.76 -16.56 5.46
C GLU A 231 -12.02 -16.86 6.94
N GLU A 232 -10.98 -16.75 7.79
CA GLU A 232 -11.08 -16.94 9.25
C GLU A 232 -12.13 -16.03 9.88
N LEU A 233 -12.08 -14.76 9.48
CA LEU A 233 -12.99 -13.76 9.96
C LEU A 233 -14.41 -14.02 9.52
N LYS A 234 -14.60 -14.31 8.24
CA LYS A 234 -15.93 -14.75 7.74
C LYS A 234 -16.47 -15.97 8.47
N GLU A 235 -15.63 -16.97 8.67
CA GLU A 235 -16.10 -18.16 9.36
C GLU A 235 -16.34 -17.85 10.82
N ARG A 236 -15.43 -17.09 11.43
CA ARG A 236 -15.59 -16.71 12.83
C ARG A 236 -16.90 -15.95 13.08
N TYR A 237 -17.26 -15.00 12.25
CA TYR A 237 -18.49 -14.20 12.46
C TYR A 237 -19.66 -14.64 11.60
N LYS A 238 -19.57 -15.80 10.96
CA LYS A 238 -20.68 -16.34 10.12
C LYS A 238 -21.20 -15.30 9.17
N ALA A 239 -20.26 -14.67 8.50
CA ALA A 239 -20.48 -13.52 7.66
C ALA A 239 -20.00 -13.85 6.27
N GLN A 240 -20.73 -13.38 5.26
CA GLN A 240 -20.45 -13.71 3.86
C GLN A 240 -19.56 -12.66 3.24
N ASN A 241 -19.37 -11.55 3.96
CA ASN A 241 -18.45 -10.50 3.53
C ASN A 241 -17.91 -9.66 4.71
N ILE A 242 -16.87 -8.90 4.43
CA ILE A 242 -16.09 -8.22 5.45
C ILE A 242 -16.83 -7.04 6.08
N GLU A 243 -17.73 -6.41 5.32
CA GLU A 243 -18.50 -5.32 5.86
C GLU A 243 -19.42 -5.86 6.92
N GLU A 244 -19.94 -7.07 6.74
CA GLU A 244 -20.74 -7.66 7.78
C GLU A 244 -19.89 -7.94 9.02
N VAL A 245 -18.69 -8.48 8.84
CA VAL A 245 -17.78 -8.69 9.98
C VAL A 245 -17.56 -7.40 10.73
N PHE A 246 -17.16 -6.36 10.02
CA PHE A 246 -16.85 -5.08 10.62
C PHE A 246 -18.06 -4.63 11.44
N GLU A 247 -19.23 -4.67 10.83
CA GLU A 247 -20.45 -4.21 11.49
C GLU A 247 -20.79 -5.02 12.72
N GLU A 248 -20.68 -6.33 12.60
CA GLU A 248 -20.85 -7.23 13.73
C GLU A 248 -19.87 -6.88 14.85
N VAL A 249 -18.63 -6.59 14.48
CA VAL A 249 -17.60 -6.40 15.50
C VAL A 249 -17.69 -5.07 16.23
N VAL A 250 -17.96 -3.96 15.55
CA VAL A 250 -17.96 -2.63 16.21
C VAL A 250 -19.32 -2.07 16.64
N LYS A 251 -20.44 -2.73 16.39
CA LYS A 251 -21.60 -2.44 17.28
C LYS A 251 -22.59 -3.56 17.31
#